data_4YO2
#
_entry.id   4YO2
#
_cell.length_a   98.830
_cell.length_b   98.830
_cell.length_c   121.690
_cell.angle_alpha   90.000
_cell.angle_beta   90.000
_cell.angle_gamma   120.000
#
_symmetry.space_group_name_H-M   'P 32 2 1'
#
loop_
_entity.id
_entity.type
_entity.pdbx_description
1 polymer 'Transcription factor E2F8'
2 polymer "DNA (5'-D(P*TP*TP*TP*TP*CP*CP*CP*GP*CP*CP*AP*AP*AP*AP*A)-3')"
3 polymer "DNA (5'-D(P*TP*TP*TP*TP*TP*GP*GP*CP*GP*GP*GP*AP*AP*AP*A)-3')"
#
loop_
_entity_poly.entity_id
_entity_poly.type
_entity_poly.pdbx_seq_one_letter_code
_entity_poly.pdbx_strand_id
1 'polypeptide(L)'
;QPSRKEKSLGLLCHKFLARYPNYPNPAVNNDICLDEVAEELNVERRRIYDIVNVLESLHMVSRLAKNRYTWHGRHNLNKT
LGTLKSIGEENKYAEQIMMIKKKEYEQEFDFIKSYSIEDHIIKSNTGPNGHPDMCFVELPGVEFRAASVNSRKDKSLRVM
SQKFVMLFLVSTPQIVSLEVAAKILIGEDHVEDLDKSKFKTKIRRLYDIANVLSSLDLIKKVHVTEERGRKP
;
A
2 'polydeoxyribonucleotide' (DT)(DT)(DT)(DT)(DC)(DC)(DC)(DG)(DC)(DC)(DA)(DA)(DA)(DA)(DA) C
3 'polydeoxyribonucleotide' (DT)(DT)(DT)(DT)(DT)(DG)(DG)(DC)(DG)(DG)(DG)(DA)(DA)(DA)(DA) D
#
loop_
_chem_comp.id
_chem_comp.type
_chem_comp.name
_chem_comp.formula
DA DNA linking 2'-DEOXYADENOSINE-5'-MONOPHOSPHATE 'C10 H14 N5 O6 P'
DC DNA linking 2'-DEOXYCYTIDINE-5'-MONOPHOSPHATE 'C9 H14 N3 O7 P'
DG DNA linking 2'-DEOXYGUANOSINE-5'-MONOPHOSPHATE 'C10 H14 N5 O7 P'
DT DNA linking THYMIDINE-5'-MONOPHOSPHATE 'C10 H15 N2 O8 P'
#
# COMPACT_ATOMS: atom_id res chain seq x y z
N GLN A 1 -10.70 -26.61 0.61
CA GLN A 1 -11.49 -25.81 1.59
C GLN A 1 -10.65 -25.35 2.78
N PRO A 2 -10.00 -26.27 3.49
CA PRO A 2 -9.28 -25.86 4.72
C PRO A 2 -8.22 -24.80 4.51
N SER A 3 -7.56 -24.79 3.35
CA SER A 3 -6.45 -23.88 3.14
C SER A 3 -6.91 -22.43 3.25
N ARG A 4 -6.15 -21.63 3.99
CA ARG A 4 -6.46 -20.21 4.16
C ARG A 4 -5.94 -19.36 3.02
N LYS A 5 -5.04 -19.89 2.18
CA LYS A 5 -4.51 -19.12 1.07
C LYS A 5 -5.53 -18.93 -0.04
N GLU A 6 -6.56 -19.78 -0.10
CA GLU A 6 -7.56 -19.67 -1.17
C GLU A 6 -8.32 -18.34 -1.10
N LYS A 7 -8.41 -17.75 0.10
CA LYS A 7 -9.09 -16.47 0.28
C LYS A 7 -8.10 -15.36 0.63
N SER A 8 -6.81 -15.59 0.41
CA SER A 8 -5.80 -14.58 0.70
C SER A 8 -5.95 -13.39 -0.25
N LEU A 9 -5.57 -12.21 0.27
CA LEU A 9 -5.75 -10.98 -0.49
C LEU A 9 -4.93 -10.97 -1.77
N GLY A 10 -3.80 -11.67 -1.78
CA GLY A 10 -2.93 -11.64 -2.94
C GLY A 10 -3.45 -12.45 -4.11
N LEU A 11 -4.37 -13.38 -3.86
CA LEU A 11 -4.99 -14.11 -4.96
C LEU A 11 -5.89 -13.18 -5.76
N LEU A 12 -6.90 -12.61 -5.11
CA LEU A 12 -7.80 -11.71 -5.80
C LEU A 12 -7.08 -10.46 -6.27
N CYS A 13 -5.99 -10.09 -5.59
CA CYS A 13 -5.17 -9.00 -6.12
C CYS A 13 -4.48 -9.40 -7.40
N HIS A 14 -3.95 -10.63 -7.47
CA HIS A 14 -3.33 -11.11 -8.70
C HIS A 14 -4.35 -11.16 -9.83
N LYS A 15 -5.58 -11.58 -9.52
CA LYS A 15 -6.64 -11.54 -10.51
C LYS A 15 -7.00 -10.12 -10.88
N PHE A 16 -6.89 -9.19 -9.94
CA PHE A 16 -7.21 -7.80 -10.23
C PHE A 16 -6.23 -7.21 -11.22
N LEU A 17 -4.93 -7.50 -11.04
CA LEU A 17 -3.94 -7.07 -12.02
C LEU A 17 -4.10 -7.83 -13.33
N ALA A 18 -4.55 -9.08 -13.28
CA ALA A 18 -4.83 -9.82 -14.50
C ALA A 18 -6.01 -9.23 -15.26
N ARG A 19 -6.91 -8.53 -14.57
CA ARG A 19 -8.11 -8.00 -15.23
C ARG A 19 -7.76 -6.93 -16.26
N TYR A 20 -6.67 -6.19 -16.08
CA TYR A 20 -6.36 -5.07 -16.93
C TYR A 20 -4.89 -5.05 -17.30
N PRO A 21 -4.54 -4.60 -18.50
CA PRO A 21 -3.13 -4.44 -18.86
C PRO A 21 -2.43 -3.38 -18.04
N ASN A 22 -1.13 -3.60 -17.79
CA ASN A 22 -0.31 -2.61 -17.12
C ASN A 22 -0.07 -1.37 -17.99
N TYR A 23 -0.18 -1.50 -19.31
CA TYR A 23 0.12 -0.42 -20.25
C TYR A 23 -1.02 -0.27 -21.24
N PRO A 24 -2.15 0.29 -20.80
CA PRO A 24 -3.26 0.51 -21.72
C PRO A 24 -3.16 1.82 -22.48
N ASN A 25 -4.17 2.12 -23.28
CA ASN A 25 -4.31 3.38 -23.99
C ASN A 25 -5.72 3.91 -23.74
N PRO A 26 -5.92 5.24 -23.84
CA PRO A 26 -7.27 5.79 -23.61
C PRO A 26 -8.32 5.17 -24.52
N ALA A 27 -9.07 4.20 -23.96
CA ALA A 27 -10.17 3.56 -24.66
C ALA A 27 -11.41 3.63 -23.78
N VAL A 28 -12.32 2.66 -23.90
CA VAL A 28 -13.47 2.60 -23.01
C VAL A 28 -13.00 1.95 -21.70
N ASN A 29 -12.34 2.72 -20.87
CA ASN A 29 -11.80 2.25 -19.60
C ASN A 29 -12.73 2.64 -18.46
N ASN A 30 -13.12 1.67 -17.66
CA ASN A 30 -13.99 1.91 -16.51
C ASN A 30 -13.91 0.71 -15.59
N ASP A 31 -14.21 0.95 -14.32
CA ASP A 31 -14.24 -0.08 -13.29
C ASP A 31 -15.51 0.07 -12.48
N ILE A 32 -16.10 -1.06 -12.09
CA ILE A 32 -17.29 -1.10 -11.26
C ILE A 32 -17.05 -2.21 -10.23
N CYS A 33 -16.78 -1.82 -8.98
CA CYS A 33 -16.34 -2.79 -7.99
C CYS A 33 -17.40 -3.84 -7.72
N LEU A 34 -18.69 -3.46 -7.76
CA LEU A 34 -19.74 -4.46 -7.61
C LEU A 34 -19.76 -5.42 -8.79
N ASP A 35 -19.43 -4.93 -9.99
CA ASP A 35 -19.31 -5.81 -11.13
C ASP A 35 -18.10 -6.73 -10.99
N GLU A 36 -17.09 -6.32 -10.23
CA GLU A 36 -16.00 -7.23 -9.90
C GLU A 36 -16.47 -8.27 -8.89
N VAL A 37 -17.32 -7.87 -7.95
CA VAL A 37 -17.86 -8.83 -7.00
C VAL A 37 -18.75 -9.84 -7.72
N ALA A 38 -19.42 -9.43 -8.79
CA ALA A 38 -20.33 -10.32 -9.50
C ALA A 38 -19.67 -11.12 -10.61
N GLU A 39 -18.62 -10.59 -11.23
CA GLU A 39 -17.96 -11.30 -12.32
C GLU A 39 -17.35 -12.61 -11.83
N GLU A 40 -16.93 -12.65 -10.57
CA GLU A 40 -16.54 -13.87 -9.89
C GLU A 40 -17.52 -14.13 -8.75
N LEU A 41 -17.29 -15.20 -8.00
CA LEU A 41 -18.14 -15.55 -6.87
C LEU A 41 -17.73 -14.87 -5.58
N ASN A 42 -16.80 -13.92 -5.64
CA ASN A 42 -16.24 -13.30 -4.45
C ASN A 42 -15.80 -11.87 -4.72
N VAL A 43 -15.55 -11.06 -3.69
CA VAL A 43 -15.74 -11.38 -2.27
C VAL A 43 -16.66 -10.32 -1.68
N GLU A 44 -16.65 -10.19 -0.36
CA GLU A 44 -17.25 -9.03 0.27
C GLU A 44 -16.51 -7.78 -0.18
N ARG A 45 -17.25 -6.68 -0.34
CA ARG A 45 -16.73 -5.52 -1.06
C ARG A 45 -15.51 -4.91 -0.38
N ARG A 46 -15.33 -5.14 0.92
CA ARG A 46 -14.23 -4.49 1.65
C ARG A 46 -12.87 -4.86 1.07
N ARG A 47 -12.73 -6.08 0.56
CA ARG A 47 -11.45 -6.49 -0.03
C ARG A 47 -11.11 -5.64 -1.24
N ILE A 48 -12.08 -5.48 -2.15
CA ILE A 48 -11.88 -4.63 -3.30
C ILE A 48 -11.71 -3.19 -2.86
N TYR A 49 -12.29 -2.82 -1.73
CA TYR A 49 -12.12 -1.45 -1.23
C TYR A 49 -10.66 -1.19 -0.86
N ASP A 50 -10.08 -2.05 -0.01
CA ASP A 50 -8.70 -1.81 0.38
C ASP A 50 -7.75 -2.00 -0.80
N ILE A 51 -8.03 -2.94 -1.71
CA ILE A 51 -7.17 -3.10 -2.87
C ILE A 51 -7.21 -1.87 -3.76
N VAL A 52 -8.39 -1.28 -3.92
CA VAL A 52 -8.52 -0.09 -4.76
C VAL A 52 -7.85 1.10 -4.09
N ASN A 53 -7.99 1.22 -2.77
CA ASN A 53 -7.40 2.35 -2.07
C ASN A 53 -5.88 2.28 -2.10
N VAL A 54 -5.30 1.09 -1.91
CA VAL A 54 -3.86 0.97 -2.04
C VAL A 54 -3.43 1.15 -3.48
N LEU A 55 -4.29 0.81 -4.43
CA LEU A 55 -3.92 0.96 -5.84
C LEU A 55 -3.80 2.43 -6.22
N GLU A 56 -4.67 3.28 -5.68
CA GLU A 56 -4.63 4.69 -6.01
C GLU A 56 -3.60 5.47 -5.21
N SER A 57 -3.00 4.86 -4.18
CA SER A 57 -1.97 5.54 -3.43
C SER A 57 -0.74 5.81 -4.29
N LEU A 58 -0.50 4.97 -5.29
CA LEU A 58 0.59 5.15 -6.24
C LEU A 58 0.11 5.78 -7.55
N HIS A 59 -1.12 6.29 -7.58
CA HIS A 59 -1.73 6.86 -8.78
C HIS A 59 -1.80 5.85 -9.92
N MET A 60 -1.81 4.54 -9.60
CA MET A 60 -2.03 3.55 -10.64
C MET A 60 -3.43 3.61 -11.20
N VAL A 61 -4.40 4.07 -10.41
CA VAL A 61 -5.81 4.15 -10.81
C VAL A 61 -6.34 5.52 -10.40
N SER A 62 -7.64 5.76 -10.58
CA SER A 62 -8.22 7.01 -10.11
C SER A 62 -9.72 6.89 -9.92
N ARG A 63 -10.23 7.66 -8.96
CA ARG A 63 -11.68 7.75 -8.74
C ARG A 63 -12.34 8.50 -9.89
N LEU A 64 -13.50 8.00 -10.33
CA LEU A 64 -14.34 8.71 -11.28
C LEU A 64 -15.68 9.12 -10.68
N ALA A 65 -16.40 8.17 -10.10
CA ALA A 65 -17.69 8.45 -9.47
C ALA A 65 -18.01 7.30 -8.52
N LYS A 66 -19.20 7.32 -7.95
CA LYS A 66 -19.61 6.24 -7.07
C LYS A 66 -19.63 4.92 -7.84
N ASN A 67 -19.03 3.89 -7.25
CA ASN A 67 -18.90 2.58 -7.89
C ASN A 67 -18.30 2.71 -9.30
N ARG A 68 -17.44 3.70 -9.50
CA ARG A 68 -16.88 4.01 -10.82
C ARG A 68 -15.44 4.46 -10.67
N TYR A 69 -14.51 3.56 -10.97
CA TYR A 69 -13.07 3.83 -11.00
C TYR A 69 -12.56 3.73 -12.42
N THR A 70 -11.37 4.29 -12.65
CA THR A 70 -10.67 4.19 -13.91
C THR A 70 -9.28 3.59 -13.68
N TRP A 71 -8.98 2.52 -14.43
CA TRP A 71 -7.80 1.71 -14.17
C TRP A 71 -6.49 2.45 -14.42
N HIS A 72 -6.47 3.37 -15.39
CA HIS A 72 -5.23 4.04 -15.79
C HIS A 72 -4.10 3.04 -15.96
N GLY A 73 -3.00 3.19 -15.23
CA GLY A 73 -1.94 2.19 -15.31
C GLY A 73 -0.58 2.58 -14.78
N ARG A 74 0.45 2.17 -15.52
CA ARG A 74 1.84 2.19 -15.09
C ARG A 74 2.56 3.50 -15.44
N HIS A 75 1.83 4.51 -15.94
CA HIS A 75 2.47 5.70 -16.47
C HIS A 75 3.15 6.52 -15.36
N ASN A 76 2.35 7.01 -14.41
CA ASN A 76 2.90 7.91 -13.40
C ASN A 76 3.96 7.22 -12.55
N LEU A 77 3.77 5.93 -12.27
CA LEU A 77 4.60 5.12 -11.37
C LEU A 77 5.93 5.75 -11.00
N ASN A 78 6.84 5.89 -11.98
CA ASN A 78 8.14 6.48 -11.69
C ASN A 78 8.01 7.93 -11.26
N LYS A 79 7.09 8.67 -11.90
CA LYS A 79 6.84 10.05 -11.49
C LYS A 79 6.23 10.11 -10.10
N THR A 80 5.49 9.08 -9.71
CA THR A 80 4.89 9.03 -8.39
C THR A 80 5.95 8.77 -7.33
N LEU A 81 6.84 7.82 -7.58
CA LEU A 81 7.92 7.57 -6.63
C LEU A 81 8.88 8.74 -6.55
N GLY A 82 9.09 9.45 -7.66
CA GLY A 82 9.97 10.61 -7.63
C GLY A 82 9.35 11.78 -6.92
N THR A 83 8.06 12.02 -7.14
CA THR A 83 7.36 13.05 -6.38
C THR A 83 7.29 12.69 -4.91
N LEU A 84 7.17 11.40 -4.60
CA LEU A 84 7.26 10.97 -3.20
C LEU A 84 8.65 11.25 -2.64
N LYS A 85 9.69 11.13 -3.47
CA LYS A 85 11.02 11.52 -3.03
C LYS A 85 11.11 13.03 -2.80
N SER A 86 10.36 13.82 -3.56
CA SER A 86 10.25 15.24 -3.25
C SER A 86 9.52 15.47 -1.93
N ILE A 87 8.55 14.60 -1.61
CA ILE A 87 7.85 14.69 -0.33
C ILE A 87 8.65 14.03 0.79
N GLY A 88 9.66 13.23 0.46
CA GLY A 88 10.31 12.38 1.43
C GLY A 88 10.98 13.09 2.58
N GLU A 89 10.69 12.64 3.80
CA GLU A 89 11.41 13.08 5.00
C GLU A 89 12.41 12.01 5.42
N GLU A 90 13.28 11.66 4.48
CA GLU A 90 14.11 10.46 4.62
C GLU A 90 15.05 10.56 5.83
N ASN A 91 15.55 11.75 6.14
CA ASN A 91 16.46 11.87 7.28
C ASN A 91 15.74 11.57 8.58
N LYS A 92 14.47 11.94 8.69
CA LYS A 92 13.70 11.60 9.88
C LYS A 92 13.49 10.10 9.99
N TYR A 93 13.37 9.41 8.86
CA TYR A 93 13.13 7.98 8.89
C TYR A 93 14.41 7.22 9.25
N ALA A 94 15.51 7.54 8.58
CA ALA A 94 16.77 6.88 8.91
C ALA A 94 17.18 7.20 10.34
N GLU A 95 16.98 8.44 10.77
CA GLU A 95 17.25 8.76 12.17
C GLU A 95 16.33 7.97 13.09
N GLN A 96 15.10 7.70 12.64
CA GLN A 96 14.21 6.88 13.45
C GLN A 96 14.73 5.45 13.58
N ILE A 97 15.36 4.92 12.52
CA ILE A 97 15.97 3.60 12.67
C ILE A 97 17.14 3.70 13.64
N MET A 98 17.84 4.84 13.66
CA MET A 98 18.92 5.01 14.63
C MET A 98 18.36 5.04 16.05
N MET A 99 17.13 5.51 16.23
CA MET A 99 16.50 5.49 17.55
C MET A 99 16.10 4.06 17.93
N ILE A 100 15.39 3.36 17.04
CA ILE A 100 14.85 2.06 17.37
C ILE A 100 15.95 1.01 17.52
N LYS A 101 17.09 1.18 16.84
CA LYS A 101 18.05 0.09 16.76
C LYS A 101 18.56 -0.32 18.13
N LYS A 102 18.67 0.63 19.06
CA LYS A 102 19.06 0.31 20.43
C LYS A 102 18.80 1.53 21.29
N LYS A 103 18.61 1.28 22.58
CA LYS A 103 18.38 2.34 23.56
C LYS A 103 17.23 3.24 23.16
N ASN A 150 -2.98 16.66 5.20
CA ASN A 150 -3.68 17.93 5.38
C ASN A 150 -4.77 17.80 6.43
N SER A 151 -5.85 17.10 6.08
CA SER A 151 -6.96 16.90 7.00
C SER A 151 -6.52 16.03 8.18
N ARG A 152 -7.10 16.32 9.35
CA ARG A 152 -6.74 15.60 10.56
C ARG A 152 -7.08 14.11 10.46
N LYS A 153 -8.12 13.77 9.67
CA LYS A 153 -8.58 12.40 9.53
C LYS A 153 -8.70 12.08 8.03
N ASP A 154 -7.56 12.07 7.35
CA ASP A 154 -7.50 11.79 5.92
C ASP A 154 -7.93 10.36 5.50
N LYS A 155 -7.51 9.30 6.20
CA LYS A 155 -6.61 9.33 7.36
C LYS A 155 -5.38 8.46 7.18
N SER A 156 -5.55 7.14 7.33
CA SER A 156 -4.40 6.26 7.53
C SER A 156 -4.11 5.32 6.37
N LEU A 157 -5.11 4.89 5.60
CA LEU A 157 -4.88 3.85 4.62
C LEU A 157 -3.95 4.31 3.50
N ARG A 158 -4.47 5.15 2.59
CA ARG A 158 -3.68 5.57 1.45
C ARG A 158 -2.45 6.35 1.87
N VAL A 159 -2.55 7.10 2.96
CA VAL A 159 -1.40 7.87 3.42
C VAL A 159 -0.29 6.95 3.92
N MET A 160 -0.67 5.92 4.68
CA MET A 160 0.33 4.98 5.18
C MET A 160 0.96 4.19 4.04
N SER A 161 0.16 3.83 3.02
CA SER A 161 0.76 3.19 1.86
C SER A 161 1.70 4.13 1.12
N GLN A 162 1.37 5.43 1.09
CA GLN A 162 2.22 6.39 0.39
C GLN A 162 3.54 6.59 1.12
N LYS A 163 3.49 6.77 2.45
CA LYS A 163 4.72 6.91 3.21
C LYS A 163 5.53 5.62 3.23
N PHE A 164 4.85 4.47 3.09
CA PHE A 164 5.56 3.20 2.95
C PHE A 164 6.35 3.17 1.64
N VAL A 165 5.68 3.49 0.54
CA VAL A 165 6.35 3.56 -0.75
C VAL A 165 7.46 4.60 -0.73
N MET A 166 7.31 5.63 0.10
CA MET A 166 8.34 6.65 0.20
C MET A 166 9.55 6.11 0.95
N LEU A 167 9.33 5.45 2.09
CA LEU A 167 10.45 4.96 2.89
C LEU A 167 11.18 3.84 2.20
N PHE A 168 10.58 3.23 1.16
CA PHE A 168 11.26 2.12 0.50
C PHE A 168 12.61 2.50 -0.08
N LEU A 169 12.80 3.76 -0.48
CA LEU A 169 14.07 4.19 -1.08
C LEU A 169 15.06 4.60 0.00
N VAL A 170 16.22 3.95 0.01
CA VAL A 170 17.34 4.35 0.87
C VAL A 170 18.57 3.57 0.42
N SER A 171 19.75 4.08 0.78
CA SER A 171 20.99 3.40 0.41
C SER A 171 21.11 2.03 1.07
N THR A 172 20.48 1.87 2.23
CA THR A 172 20.53 0.63 3.01
C THR A 172 19.10 0.25 3.39
N PRO A 173 18.34 -0.34 2.45
CA PRO A 173 16.95 -0.69 2.73
C PRO A 173 16.76 -1.43 4.05
N GLN A 174 16.13 -0.78 5.02
CA GLN A 174 15.90 -1.34 6.34
C GLN A 174 14.44 -1.13 6.76
N ILE A 175 13.99 -2.01 7.63
CA ILE A 175 12.58 -2.41 7.70
C ILE A 175 12.32 -3.26 8.95
N VAL A 176 11.06 -3.51 9.33
CA VAL A 176 9.86 -2.88 8.77
C VAL A 176 8.94 -2.50 9.93
N SER A 177 8.93 -3.33 10.98
CA SER A 177 8.20 -2.97 12.19
C SER A 177 8.79 -1.72 12.81
N LEU A 178 10.08 -1.45 12.57
CA LEU A 178 10.63 -0.16 12.94
C LEU A 178 9.92 0.96 12.20
N GLU A 179 9.56 0.72 10.94
CA GLU A 179 8.76 1.68 10.20
C GLU A 179 7.34 1.74 10.75
N VAL A 180 6.85 0.64 11.34
CA VAL A 180 5.57 0.72 12.04
C VAL A 180 5.70 1.64 13.24
N ALA A 181 6.85 1.61 13.92
CA ALA A 181 7.09 2.57 14.99
C ALA A 181 7.15 3.99 14.43
N ALA A 182 7.65 4.16 13.21
CA ALA A 182 7.58 5.45 12.56
C ALA A 182 6.13 5.85 12.29
N LYS A 183 5.28 4.87 11.97
CA LYS A 183 3.86 5.16 11.79
C LYS A 183 3.20 5.56 13.10
N ILE A 184 3.67 5.01 14.22
CA ILE A 184 3.14 5.40 15.52
C ILE A 184 3.60 6.81 15.89
N LEU A 185 4.84 7.15 15.56
CA LEU A 185 5.35 8.47 15.92
C LEU A 185 4.71 9.55 15.06
N ILE A 186 4.63 9.33 13.75
CA ILE A 186 3.94 10.29 12.89
C ILE A 186 2.45 10.32 13.21
N GLY A 187 1.89 9.18 13.66
CA GLY A 187 0.47 9.11 13.90
C GLY A 187 0.03 9.74 15.20
N GLU A 188 0.89 9.75 16.22
CA GLU A 188 0.55 10.23 17.56
C GLU A 188 1.32 11.49 17.90
N ASP A 189 2.60 11.34 18.26
CA ASP A 189 3.44 12.46 18.67
C ASP A 189 2.79 13.23 19.82
N HIS A 190 2.36 12.48 20.84
CA HIS A 190 1.68 13.07 21.99
C HIS A 190 1.98 12.24 23.22
N VAL A 191 1.56 12.76 24.38
CA VAL A 191 1.95 12.17 25.65
C VAL A 191 1.39 10.75 25.80
N GLU A 192 0.24 10.48 25.18
CA GLU A 192 -0.34 9.13 25.20
C GLU A 192 -0.45 8.59 23.78
N ASP A 193 -0.01 7.36 23.48
CA ASP A 193 0.61 6.40 24.39
C ASP A 193 -0.20 6.06 25.66
N LEU A 194 -1.35 5.36 25.58
CA LEU A 194 -1.93 4.77 24.36
C LEU A 194 -1.00 3.82 23.60
N ASP A 195 -0.19 3.08 24.34
CA ASP A 195 0.67 2.05 23.78
C ASP A 195 -0.04 0.70 23.86
N LYS A 196 0.72 -0.38 23.61
CA LYS A 196 0.19 -1.73 23.63
C LYS A 196 -0.78 -1.94 22.47
N SER A 197 -1.89 -1.20 22.47
CA SER A 197 -2.88 -1.30 21.42
C SER A 197 -2.43 -0.50 20.19
N LYS A 198 -3.31 -0.45 19.18
CA LYS A 198 -3.11 0.38 18.00
C LYS A 198 -1.96 -0.12 17.12
N PHE A 199 -0.77 -0.25 17.69
CA PHE A 199 0.40 -0.59 16.90
C PHE A 199 0.24 -1.93 16.20
N LYS A 200 -0.42 -2.88 16.85
CA LYS A 200 -0.60 -4.20 16.22
C LYS A 200 -1.51 -4.09 15.01
N THR A 201 -2.57 -3.29 15.10
CA THR A 201 -3.45 -3.11 13.95
C THR A 201 -2.72 -2.44 12.79
N LYS A 202 -1.81 -1.50 13.09
CA LYS A 202 -0.96 -0.95 12.04
C LYS A 202 -0.08 -2.02 11.44
N ILE A 203 0.33 -3.00 12.26
CA ILE A 203 1.03 -4.15 11.70
C ILE A 203 0.11 -4.94 10.78
N ARG A 204 -1.19 -4.99 11.09
CA ARG A 204 -2.11 -5.76 10.26
C ARG A 204 -2.31 -5.08 8.90
N ARG A 205 -2.66 -3.80 8.91
CA ARG A 205 -2.85 -3.10 7.65
C ARG A 205 -1.54 -3.00 6.88
N LEU A 206 -0.40 -2.93 7.59
CA LEU A 206 0.86 -3.00 6.89
C LEU A 206 1.09 -4.37 6.26
N TYR A 207 0.56 -5.43 6.86
CA TYR A 207 0.63 -6.74 6.22
C TYR A 207 -0.23 -6.76 4.96
N ASP A 208 -1.41 -6.14 5.02
CA ASP A 208 -2.24 -6.06 3.83
C ASP A 208 -1.56 -5.25 2.73
N ILE A 209 -0.90 -4.16 3.12
CA ILE A 209 -0.14 -3.38 2.15
C ILE A 209 1.03 -4.20 1.63
N ALA A 210 1.55 -5.13 2.44
CA ALA A 210 2.69 -5.92 2.02
C ALA A 210 2.27 -6.93 0.96
N ASN A 211 1.35 -7.83 1.29
CA ASN A 211 0.98 -8.86 0.32
C ASN A 211 0.24 -8.28 -0.88
N VAL A 212 -0.49 -7.17 -0.70
CA VAL A 212 -1.12 -6.56 -1.87
C VAL A 212 -0.06 -6.00 -2.81
N LEU A 213 1.07 -5.56 -2.26
CA LEU A 213 2.18 -5.10 -3.08
C LEU A 213 3.09 -6.24 -3.54
N SER A 214 2.73 -7.48 -3.26
CA SER A 214 3.46 -8.65 -3.73
C SER A 214 2.94 -9.19 -5.05
N SER A 215 1.89 -8.60 -5.62
CA SER A 215 1.23 -9.13 -6.81
C SER A 215 1.64 -8.31 -8.03
N LEU A 216 2.42 -8.91 -8.93
CA LEU A 216 2.87 -8.28 -10.17
C LEU A 216 3.11 -6.79 -9.99
N ASP A 217 4.08 -6.45 -9.16
CA ASP A 217 4.39 -5.07 -8.80
C ASP A 217 5.84 -5.04 -8.32
N LEU A 218 6.21 -3.97 -7.61
CA LEU A 218 7.61 -3.72 -7.25
C LEU A 218 7.85 -4.10 -5.79
N ILE A 219 7.99 -5.39 -5.54
CA ILE A 219 8.34 -5.88 -4.20
C ILE A 219 8.79 -7.34 -4.31
N LYS A 220 9.47 -7.82 -3.27
CA LYS A 220 10.09 -9.14 -3.22
C LYS A 220 9.37 -10.05 -2.23
N LYS A 221 9.92 -11.25 -2.05
CA LYS A 221 9.61 -12.13 -0.92
C LYS A 221 10.93 -12.56 -0.30
N VAL A 222 11.47 -11.73 0.61
CA VAL A 222 12.71 -12.03 1.33
C VAL A 222 12.38 -12.13 2.82
N HIS A 223 12.53 -13.33 3.38
CA HIS A 223 12.40 -13.55 4.83
C HIS A 223 11.27 -12.73 5.42
N VAL A 224 11.53 -11.96 6.49
CA VAL A 224 10.60 -10.98 7.02
C VAL A 224 11.27 -9.61 6.93
N THR A 225 10.45 -8.56 6.95
CA THR A 225 10.96 -7.19 6.84
C THR A 225 11.68 -7.00 5.51
N GLU A 226 10.87 -6.94 4.46
CA GLU A 226 11.34 -7.01 3.08
C GLU A 226 11.48 -5.63 2.46
N GLU A 227 12.33 -5.58 1.42
CA GLU A 227 12.57 -4.34 0.68
C GLU A 227 12.83 -4.66 -0.78
N ARG A 228 12.02 -4.08 -1.67
CA ARG A 228 12.38 -4.02 -3.09
C ARG A 228 11.59 -2.91 -3.76
N GLY A 229 12.25 -2.20 -4.66
CA GLY A 229 11.60 -1.25 -5.54
C GLY A 229 12.16 -1.40 -6.94
N ARG A 230 11.54 -2.27 -7.74
CA ARG A 230 12.12 -2.67 -9.01
C ARG A 230 12.31 -1.48 -9.94
N LYS A 231 11.30 -0.60 -10.03
CA LYS A 231 11.35 0.53 -10.95
C LYS A 231 11.82 1.77 -10.20
N PRO A 232 12.93 2.40 -10.60
CA PRO A 232 13.38 3.63 -9.93
C PRO A 232 12.53 4.85 -10.28
#